data_5K5H
#
_entry.id   5K5H
#
_cell.length_a   52.800
_cell.length_b   52.800
_cell.length_c   166.170
_cell.angle_alpha   90.00
_cell.angle_beta   90.00
_cell.angle_gamma   90.00
#
_symmetry.space_group_name_H-M   'P 41 21 2'
#
loop_
_entity.id
_entity.type
_entity.pdbx_description
1 polymer 'Transcriptional repressor CTCF'
2 polymer "DNA (5'-D(*CP*AP*GP*CP*AP*GP*GP*GP*GP*GP*CP*GP*C)-3')"
3 polymer "DNA (5'-D(*CP*GP*CP*CP*CP*CP*CP*TP*GP*CP*TP*GP*G)-3')"
4 non-polymer 'ZINC ION'
5 water water
#
loop_
_entity_poly.entity_id
_entity_poly.type
_entity_poly.pdbx_seq_one_letter_code
_entity_poly.pdbx_strand_id
1 'polypeptide(L)'
;GPLGSEKPFKCSMCDYASVEVSKLKRHIRSHTGERPFQCSLCSYASRDTYKLKRHMRTHSGEKPYECYICHARFTQSGTM
KMHILQKHTENVAKFHCPHCDTVIARKSDLGVHLRKQHSYIE
;
A
2 'polydeoxyribonucleotide' (DC)(DA)(DG)(DC)(DA)(DG)(DG)(DG)(DG)(DG)(DC)(DG)(DC) B
3 'polydeoxyribonucleotide' (DC)(DG)(DC)(DC)(DC)(DC)(DC)(DT)(DG)(DC)(DT)(DG)(DG) C
#
# COMPACT_ATOMS: atom_id res chain seq x y z
N PRO A 8 -27.33 2.80 -2.86
CA PRO A 8 -26.09 3.59 -2.83
C PRO A 8 -25.73 4.15 -4.20
N PHE A 9 -24.47 4.51 -4.40
CA PHE A 9 -23.98 4.92 -5.70
C PHE A 9 -23.43 3.72 -6.47
N LYS A 10 -23.37 3.87 -7.79
CA LYS A 10 -22.91 2.81 -8.67
C LYS A 10 -21.90 3.36 -9.67
N CYS A 11 -21.17 2.45 -10.29
CA CYS A 11 -20.19 2.78 -11.32
C CYS A 11 -20.60 2.09 -12.61
N SER A 12 -20.77 2.86 -13.68
CA SER A 12 -21.15 2.31 -14.98
C SER A 12 -19.97 1.78 -15.77
N MET A 13 -18.79 1.64 -15.14
CA MET A 13 -17.59 1.16 -15.81
C MET A 13 -17.18 -0.22 -15.31
N CYS A 14 -16.98 -0.38 -14.00
CA CYS A 14 -16.54 -1.65 -13.43
C CYS A 14 -17.51 -2.19 -12.40
N ASP A 15 -18.72 -1.62 -12.31
CA ASP A 15 -19.75 -2.06 -11.37
C ASP A 15 -19.24 -1.98 -9.93
N TYR A 16 -18.63 -0.84 -9.60
CA TYR A 16 -18.17 -0.55 -8.24
C TYR A 16 -19.24 0.27 -7.52
N ALA A 17 -19.56 -0.12 -6.30
CA ALA A 17 -20.58 0.56 -5.50
C ALA A 17 -19.96 1.17 -4.26
N SER A 18 -20.48 2.32 -3.86
CA SER A 18 -20.03 3.01 -2.66
C SER A 18 -21.16 3.90 -2.15
N VAL A 19 -21.24 4.04 -0.83
CA VAL A 19 -22.31 4.83 -0.23
C VAL A 19 -22.00 6.32 -0.17
N GLU A 20 -20.80 6.73 -0.56
CA GLU A 20 -20.37 8.12 -0.47
C GLU A 20 -20.18 8.72 -1.86
N VAL A 21 -20.27 10.04 -1.93
CA VAL A 21 -20.07 10.74 -3.18
C VAL A 21 -18.59 10.99 -3.44
N SER A 22 -17.84 11.35 -2.40
CA SER A 22 -16.41 11.58 -2.56
C SER A 22 -15.68 10.30 -2.96
N LYS A 23 -16.04 9.17 -2.33
CA LYS A 23 -15.44 7.90 -2.68
C LYS A 23 -15.87 7.42 -4.06
N LEU A 24 -16.95 7.99 -4.60
CA LEU A 24 -17.31 7.71 -5.99
C LEU A 24 -16.37 8.43 -6.96
N LYS A 25 -16.06 9.70 -6.67
CA LYS A 25 -15.10 10.43 -7.49
C LYS A 25 -13.70 9.86 -7.36
N ARG A 26 -13.35 9.31 -6.19
CA ARG A 26 -12.07 8.65 -6.05
C ARG A 26 -11.95 7.43 -6.95
N HIS A 27 -13.07 6.72 -7.17
CA HIS A 27 -13.04 5.59 -8.09
C HIS A 27 -12.87 6.04 -9.53
N ILE A 28 -13.32 7.27 -9.85
CA ILE A 28 -13.18 7.78 -11.21
C ILE A 28 -11.73 8.14 -11.52
N ARG A 29 -10.93 8.44 -10.49
CA ARG A 29 -9.51 8.69 -10.71
C ARG A 29 -8.80 7.46 -11.28
N SER A 30 -9.30 6.27 -10.97
CA SER A 30 -8.71 5.03 -11.47
C SER A 30 -9.14 4.70 -12.89
N HIS A 31 -10.13 5.41 -13.43
CA HIS A 31 -10.56 5.24 -14.82
C HIS A 31 -10.14 6.39 -15.72
N THR A 32 -10.28 7.63 -15.26
CA THR A 32 -9.84 8.77 -16.04
C THR A 32 -8.32 8.87 -16.13
N GLY A 33 -7.61 8.19 -15.22
CA GLY A 33 -6.16 8.28 -15.20
C GLY A 33 -5.66 9.36 -14.26
N GLU A 34 -5.38 10.54 -14.82
CA GLU A 34 -4.76 11.62 -14.07
C GLU A 34 -5.83 12.62 -13.63
N ARG A 35 -5.98 12.77 -12.32
CA ARG A 35 -6.62 13.95 -11.74
C ARG A 35 -5.76 14.46 -10.58
N PRO A 36 -4.43 14.58 -10.75
CA PRO A 36 -3.58 14.88 -9.60
C PRO A 36 -3.18 16.34 -9.48
N PHE A 37 -2.48 16.66 -8.40
CA PHE A 37 -1.62 17.84 -8.36
C PHE A 37 -0.21 17.39 -8.75
N GLN A 38 0.76 18.29 -8.66
CA GLN A 38 2.13 17.98 -9.00
C GLN A 38 3.04 18.16 -7.78
N CYS A 39 4.17 17.45 -7.82
CA CYS A 39 5.16 17.54 -6.76
C CYS A 39 6.13 18.67 -7.04
N SER A 40 6.55 19.35 -5.97
CA SER A 40 7.44 20.50 -6.09
C SER A 40 8.90 20.11 -6.31
N LEU A 41 9.24 18.82 -6.19
CA LEU A 41 10.63 18.40 -6.28
C LEU A 41 10.90 17.31 -7.32
N CYS A 42 9.90 16.53 -7.72
CA CYS A 42 10.12 15.52 -8.74
C CYS A 42 8.98 15.44 -9.76
N SER A 43 8.02 16.37 -9.70
CA SER A 43 6.90 16.44 -10.63
C SER A 43 6.05 15.17 -10.63
N TYR A 44 6.13 14.39 -9.56
CA TYR A 44 5.26 13.23 -9.42
C TYR A 44 3.84 13.69 -9.11
N ALA A 45 2.87 12.92 -9.64
CA ALA A 45 1.47 13.32 -9.60
C ALA A 45 0.63 12.15 -9.10
N SER A 46 -0.02 12.32 -7.95
CA SER A 46 -0.86 11.29 -7.35
C SER A 46 -2.30 11.78 -7.26
N ARG A 47 -3.24 10.87 -7.54
CA ARG A 47 -4.65 11.23 -7.56
C ARG A 47 -5.14 11.67 -6.19
N ASP A 48 -5.04 10.80 -5.20
CA ASP A 48 -5.51 11.13 -3.86
C ASP A 48 -4.59 12.17 -3.22
N THR A 49 -5.19 13.13 -2.53
CA THR A 49 -4.41 14.19 -1.89
C THR A 49 -3.55 13.64 -0.75
N TYR A 50 -3.97 12.52 -0.15
CA TYR A 50 -3.17 11.93 0.93
C TYR A 50 -1.89 11.30 0.38
N LYS A 51 -1.97 10.65 -0.78
CA LYS A 51 -0.79 10.00 -1.34
C LYS A 51 0.25 11.02 -1.80
N LEU A 52 -0.19 12.21 -2.22
CA LEU A 52 0.76 13.28 -2.51
C LEU A 52 1.42 13.77 -1.23
N LYS A 53 0.73 13.67 -0.10
CA LYS A 53 1.32 14.05 1.17
C LYS A 53 2.36 13.04 1.63
N ARG A 54 2.11 11.75 1.37
CA ARG A 54 3.11 10.74 1.70
C ARG A 54 4.24 10.69 0.68
N HIS A 55 4.00 11.20 -0.54
CA HIS A 55 5.10 11.35 -1.48
C HIS A 55 6.01 12.50 -1.06
N MET A 56 5.43 13.61 -0.61
CA MET A 56 6.23 14.71 -0.06
C MET A 56 7.01 14.29 1.16
N ARG A 57 6.59 13.22 1.83
CA ARG A 57 7.35 12.69 2.96
C ARG A 57 8.64 12.01 2.52
N THR A 58 8.78 11.70 1.23
CA THR A 58 9.99 11.04 0.75
C THR A 58 11.19 11.98 0.82
N HIS A 59 10.99 13.25 0.49
CA HIS A 59 12.05 14.25 0.46
C HIS A 59 12.30 14.89 1.82
N SER A 60 11.72 14.34 2.88
CA SER A 60 11.91 14.87 4.23
C SER A 60 12.17 13.71 5.19
N GLY A 61 12.92 14.01 6.25
CA GLY A 61 13.21 13.00 7.25
C GLY A 61 12.09 12.82 8.24
N GLU A 62 10.85 12.90 7.76
CA GLU A 62 9.67 12.78 8.59
C GLU A 62 9.24 11.32 8.62
N LYS A 63 9.39 10.67 9.77
CA LYS A 63 8.96 9.28 9.97
C LYS A 63 8.07 9.24 11.20
N PRO A 64 6.79 9.60 11.06
CA PRO A 64 5.92 9.71 12.25
C PRO A 64 5.51 8.37 12.85
N TYR A 65 5.86 7.26 12.21
CA TYR A 65 5.47 5.93 12.68
C TYR A 65 6.67 5.28 13.35
N GLU A 66 6.57 5.04 14.65
CA GLU A 66 7.66 4.49 15.44
C GLU A 66 7.31 3.09 15.93
N CYS A 67 8.26 2.18 15.79
CA CYS A 67 8.14 0.86 16.41
C CYS A 67 8.30 1.00 17.92
N TYR A 68 7.26 0.61 18.66
CA TYR A 68 7.30 0.75 20.12
C TYR A 68 8.24 -0.24 20.79
N ILE A 69 8.94 -1.06 20.03
CA ILE A 69 9.85 -2.07 20.58
C ILE A 69 11.31 -1.66 20.38
N CYS A 70 11.74 -1.47 19.14
CA CYS A 70 13.10 -1.09 18.83
C CYS A 70 13.24 0.40 18.55
N HIS A 71 12.17 1.17 18.75
CA HIS A 71 12.20 2.63 18.56
C HIS A 71 12.61 3.01 17.14
N ALA A 72 12.27 2.17 16.17
CA ALA A 72 12.53 2.48 14.77
C ALA A 72 11.59 3.59 14.30
N ARG A 73 11.76 3.98 13.03
CA ARG A 73 10.95 5.04 12.45
C ARG A 73 10.69 4.72 10.98
N PHE A 74 9.43 4.85 10.55
CA PHE A 74 9.01 4.49 9.21
C PHE A 74 8.16 5.59 8.62
N THR A 75 8.15 5.68 7.30
CA THR A 75 7.37 6.68 6.59
C THR A 75 5.92 6.25 6.38
N GLN A 76 5.60 4.96 6.55
CA GLN A 76 4.25 4.46 6.40
C GLN A 76 3.90 3.54 7.56
N SER A 77 2.62 3.57 7.95
CA SER A 77 2.16 2.71 9.04
C SER A 77 2.20 1.24 8.63
N GLY A 78 1.75 0.93 7.40
CA GLY A 78 1.80 -0.44 6.93
C GLY A 78 3.20 -0.99 6.85
N THR A 79 4.15 -0.17 6.40
CA THR A 79 5.55 -0.57 6.40
C THR A 79 6.06 -0.76 7.83
N MET A 80 5.63 0.11 8.75
CA MET A 80 5.95 -0.10 10.16
C MET A 80 5.26 -1.35 10.69
N LYS A 81 4.05 -1.65 10.20
CA LYS A 81 3.34 -2.83 10.67
C LYS A 81 4.07 -4.10 10.29
N MET A 82 4.61 -4.17 9.07
CA MET A 82 5.32 -5.37 8.62
C MET A 82 6.56 -5.62 9.46
N HIS A 83 7.30 -4.56 9.80
CA HIS A 83 8.47 -4.71 10.66
C HIS A 83 8.10 -5.29 12.00
N ILE A 84 6.93 -4.91 12.53
CA ILE A 84 6.46 -5.49 13.79
C ILE A 84 6.10 -6.96 13.59
N LEU A 85 5.54 -7.30 12.43
CA LEU A 85 4.99 -8.65 12.22
C LEU A 85 6.08 -9.69 12.01
N GLN A 86 7.10 -9.37 11.20
CA GLN A 86 8.09 -10.35 10.81
C GLN A 86 9.34 -10.35 11.68
N LYS A 87 9.57 -9.30 12.46
CA LYS A 87 10.79 -9.19 13.25
C LYS A 87 10.57 -9.21 14.76
N HIS A 88 9.32 -9.07 15.23
CA HIS A 88 9.06 -9.04 16.66
C HIS A 88 7.97 -10.02 17.09
N THR A 89 7.52 -10.89 16.19
CA THR A 89 6.56 -11.95 16.53
C THR A 89 7.10 -13.27 16.00
N GLU A 90 7.07 -14.30 16.85
CA GLU A 90 7.67 -15.59 16.51
C GLU A 90 6.65 -16.54 15.89
N ASN A 91 5.58 -16.86 16.62
CA ASN A 91 4.58 -17.81 16.15
C ASN A 91 3.66 -17.11 15.16
N VAL A 92 4.19 -16.91 13.95
CA VAL A 92 3.46 -16.26 12.87
C VAL A 92 3.11 -17.31 11.82
N ALA A 93 1.87 -17.25 11.32
CA ALA A 93 1.38 -18.21 10.34
C ALA A 93 2.00 -17.91 8.99
N LYS A 94 2.95 -18.74 8.57
CA LYS A 94 3.53 -18.62 7.24
C LYS A 94 2.63 -19.31 6.21
N PHE A 95 2.95 -19.11 4.93
CA PHE A 95 2.11 -19.56 3.84
C PHE A 95 2.87 -20.57 2.98
N HIS A 96 2.21 -21.69 2.67
CA HIS A 96 2.76 -22.69 1.78
C HIS A 96 2.42 -22.34 0.33
N CYS A 97 3.09 -23.03 -0.59
CA CYS A 97 2.84 -22.75 -2.00
C CYS A 97 1.78 -23.71 -2.56
N PRO A 98 0.84 -23.19 -3.35
CA PRO A 98 -0.19 -24.07 -3.94
C PRO A 98 0.36 -25.07 -4.94
N HIS A 99 1.54 -24.82 -5.51
CA HIS A 99 2.12 -25.71 -6.50
C HIS A 99 3.57 -26.08 -6.19
N CYS A 100 4.05 -25.80 -4.98
CA CYS A 100 5.41 -26.14 -4.58
C CYS A 100 5.39 -26.63 -3.15
N ASP A 101 6.58 -27.00 -2.65
CA ASP A 101 6.74 -27.51 -1.29
C ASP A 101 7.54 -26.57 -0.42
N THR A 102 7.66 -25.31 -0.80
CA THR A 102 8.38 -24.31 -0.03
C THR A 102 7.41 -23.47 0.79
N VAL A 103 7.94 -22.85 1.84
CA VAL A 103 7.16 -22.03 2.76
C VAL A 103 7.74 -20.63 2.78
N ILE A 104 6.87 -19.63 2.66
CA ILE A 104 7.28 -18.23 2.64
C ILE A 104 6.43 -17.45 3.64
N ALA A 105 6.94 -16.27 4.00
CA ALA A 105 6.33 -15.48 5.07
C ALA A 105 5.26 -14.52 4.54
N ARG A 106 5.64 -13.65 3.60
CA ARG A 106 4.76 -12.59 3.13
C ARG A 106 4.03 -12.99 1.86
N LYS A 107 2.81 -12.46 1.70
CA LYS A 107 2.10 -12.60 0.43
C LYS A 107 2.78 -11.82 -0.68
N SER A 108 3.46 -10.72 -0.32
CA SER A 108 4.24 -9.98 -1.31
C SER A 108 5.32 -10.87 -1.92
N ASP A 109 5.93 -11.73 -1.12
CA ASP A 109 6.85 -12.72 -1.66
C ASP A 109 6.12 -13.80 -2.44
N LEU A 110 4.90 -14.16 -2.01
CA LEU A 110 4.12 -15.15 -2.73
C LEU A 110 3.67 -14.61 -4.09
N GLY A 111 3.38 -13.31 -4.16
CA GLY A 111 3.00 -12.73 -5.44
C GLY A 111 4.12 -12.77 -6.46
N VAL A 112 5.34 -12.40 -6.04
CA VAL A 112 6.47 -12.42 -6.94
C VAL A 112 7.01 -13.83 -7.17
N HIS A 113 6.71 -14.77 -6.25
CA HIS A 113 7.13 -16.15 -6.46
C HIS A 113 6.43 -16.76 -7.67
N LEU A 114 5.09 -16.71 -7.68
CA LEU A 114 4.34 -17.26 -8.79
C LEU A 114 4.61 -16.54 -10.10
N ARG A 115 5.15 -15.32 -10.04
CA ARG A 115 5.46 -14.58 -11.26
C ARG A 115 6.59 -15.24 -12.05
N LYS A 116 7.67 -15.61 -11.36
CA LYS A 116 8.84 -16.17 -12.03
C LYS A 116 9.04 -17.66 -11.78
N GLN A 117 8.22 -18.29 -10.93
CA GLN A 117 8.29 -19.73 -10.71
C GLN A 117 7.15 -20.48 -11.39
N HIS A 118 5.97 -19.90 -11.45
CA HIS A 118 4.82 -20.55 -12.07
C HIS A 118 4.19 -19.65 -13.13
#